data_4YNW
#
_entry.id   4YNW
#
_cell.length_a   49.134
_cell.length_b   49.566
_cell.length_c   80.314
_cell.angle_alpha   98.59
_cell.angle_beta   100.11
_cell.angle_gamma   98.53
#
_symmetry.space_group_name_H-M   'P 1'
#
_entity_poly.entity_id   1
_entity_poly.type   'polypeptide(L)'
_entity_poly.pdbx_seq_one_letter_code
;SMAPTKPKNKSKKSKDRARLKVASSQTSINPKELLDRATTLLEEGDIETAAKVARTAYEHIGENGRHAGAALTLLGQIHV
ELGDIDAARNYYAAAVKVDEDGSLPEELGGGPEKFLWLAQLSEEGGHDSVAWFERGATVLRAQIQSLMDSLEQRPLSRGQ
VEAAIADKRRRLAETLCAVVEVYMTDLSWEDDAEQRCEALITEATMIAPEWPETWQTVANVRISQERTEEAREALRRSLG
LWTHLPPEDPGVPPFPSRVSLVRLLIEVDMEEEALEVTERLIAEDDLSVEVWYLGGYARYRLGEKEREASGQASEPEAWK
DTWRSSRKWLRQCLKVFEA
;
_entity_poly.pdbx_strand_id   A,B
#
# COMPACT_ATOMS: atom_id res chain seq x y z
N ILE A 29 -24.83 38.87 -9.09
CA ILE A 29 -25.68 38.07 -9.95
C ILE A 29 -24.93 36.87 -10.52
N ASN A 30 -23.89 36.45 -9.80
CA ASN A 30 -23.10 35.30 -10.20
C ASN A 30 -22.58 34.56 -8.98
N PRO A 31 -22.90 33.26 -8.87
CA PRO A 31 -22.53 32.46 -7.70
C PRO A 31 -21.02 32.21 -7.61
N LYS A 32 -20.44 31.64 -8.66
CA LYS A 32 -19.03 31.29 -8.66
C LYS A 32 -18.10 32.49 -8.57
N GLU A 33 -18.63 33.68 -8.88
CA GLU A 33 -17.83 34.91 -8.87
C GLU A 33 -17.32 35.26 -7.49
N LEU A 34 -18.23 35.30 -6.51
CA LEU A 34 -17.88 35.68 -5.14
C LEU A 34 -16.88 34.72 -4.50
N LEU A 35 -17.00 33.45 -4.84
CA LEU A 35 -16.11 32.42 -4.31
C LEU A 35 -14.69 32.58 -4.85
N ASP A 36 -14.59 32.90 -6.14
CA ASP A 36 -13.29 33.08 -6.79
C ASP A 36 -12.59 34.33 -6.27
N ARG A 37 -13.38 35.29 -5.80
CA ARG A 37 -12.83 36.51 -5.22
C ARG A 37 -12.43 36.28 -3.77
N ALA A 38 -13.23 35.50 -3.06
CA ALA A 38 -12.95 35.16 -1.67
C ALA A 38 -11.62 34.42 -1.54
N THR A 39 -11.39 33.48 -2.47
CA THR A 39 -10.14 32.73 -2.50
C THR A 39 -8.97 33.66 -2.82
N THR A 40 -9.19 34.59 -3.73
CA THR A 40 -8.17 35.56 -4.11
C THR A 40 -7.88 36.51 -2.94
N LEU A 41 -8.93 36.89 -2.23
CA LEU A 41 -8.79 37.76 -1.05
C LEU A 41 -8.11 37.02 0.09
N LEU A 42 -8.25 35.70 0.12
CA LEU A 42 -7.62 34.88 1.14
C LEU A 42 -6.12 34.74 0.87
N GLU A 43 -5.75 34.70 -0.41
CA GLU A 43 -4.34 34.63 -0.79
C GLU A 43 -3.72 36.02 -0.75
N GLU A 44 -4.57 37.04 -0.69
CA GLU A 44 -4.12 38.42 -0.63
C GLU A 44 -3.58 38.76 0.76
N GLY A 45 -3.92 37.92 1.73
CA GLY A 45 -3.51 38.12 3.11
C GLY A 45 -4.62 38.81 3.90
N ASP A 46 -5.57 39.36 3.18
CA ASP A 46 -6.72 40.05 3.77
C ASP A 46 -7.79 39.06 4.15
N ILE A 47 -7.72 38.54 5.38
CA ILE A 47 -8.62 37.47 5.81
C ILE A 47 -9.96 38.01 6.29
N GLU A 48 -9.94 39.20 6.90
CA GLU A 48 -11.15 39.81 7.44
C GLU A 48 -12.23 40.01 6.38
N THR A 49 -11.88 40.70 5.29
CA THR A 49 -12.84 40.94 4.22
C THR A 49 -13.14 39.67 3.44
N ALA A 50 -12.17 38.76 3.40
CA ALA A 50 -12.36 37.48 2.72
C ALA A 50 -13.44 36.67 3.42
N ALA A 51 -13.45 36.74 4.76
CA ALA A 51 -14.47 36.08 5.56
C ALA A 51 -15.84 36.69 5.29
N LYS A 52 -15.84 37.99 4.99
CA LYS A 52 -17.07 38.73 4.73
C LYS A 52 -17.67 38.36 3.38
N VAL A 53 -16.84 38.41 2.34
CA VAL A 53 -17.27 38.10 0.98
C VAL A 53 -17.75 36.66 0.88
N ALA A 54 -17.03 35.75 1.52
CA ALA A 54 -17.36 34.33 1.50
C ALA A 54 -18.67 34.05 2.23
N ARG A 55 -18.87 34.69 3.38
CA ARG A 55 -20.08 34.49 4.18
C ARG A 55 -21.30 35.02 3.42
N THR A 56 -21.11 36.08 2.65
CA THR A 56 -22.18 36.65 1.84
C THR A 56 -22.46 35.76 0.63
N ALA A 57 -21.41 35.15 0.10
CA ALA A 57 -21.52 34.26 -1.05
C ALA A 57 -22.44 33.08 -0.78
N TYR A 58 -22.30 32.49 0.40
CA TYR A 58 -23.08 31.32 0.77
C TYR A 58 -24.56 31.63 0.95
N GLU A 59 -24.86 32.89 1.26
CA GLU A 59 -26.25 33.33 1.41
C GLU A 59 -27.02 33.19 0.10
N HIS A 60 -26.40 33.62 -1.00
CA HIS A 60 -27.04 33.55 -2.31
C HIS A 60 -27.11 32.11 -2.82
N ILE A 61 -26.14 31.29 -2.42
CA ILE A 61 -26.12 29.89 -2.81
C ILE A 61 -27.25 29.12 -2.17
N GLY A 62 -27.45 29.35 -0.87
CA GLY A 62 -28.52 28.69 -0.14
C GLY A 62 -28.03 27.51 0.66
N GLU A 63 -28.85 27.05 1.61
CA GLU A 63 -28.50 25.93 2.47
C GLU A 63 -28.40 24.63 1.66
N ASN A 64 -29.20 24.54 0.59
CA ASN A 64 -29.18 23.36 -0.27
C ASN A 64 -28.85 23.72 -1.72
N GLY A 65 -27.96 24.69 -1.89
CA GLY A 65 -27.57 25.13 -3.22
C GLY A 65 -26.74 24.11 -3.97
N ARG A 66 -26.23 24.49 -5.13
CA ARG A 66 -25.43 23.59 -5.94
C ARG A 66 -23.95 23.65 -5.56
N HIS A 67 -23.52 24.77 -4.97
CA HIS A 67 -22.14 24.94 -4.54
C HIS A 67 -21.93 24.89 -3.04
N ALA A 68 -22.96 24.48 -2.31
CA ALA A 68 -23.03 24.62 -0.86
C ALA A 68 -21.77 24.08 -0.18
N GLY A 69 -21.37 22.87 -0.58
CA GLY A 69 -20.20 22.22 0.00
C GLY A 69 -18.91 22.98 -0.25
N ALA A 70 -18.68 23.37 -1.50
CA ALA A 70 -17.47 24.07 -1.89
C ALA A 70 -17.33 25.40 -1.17
N ALA A 71 -18.47 26.04 -0.87
CA ALA A 71 -18.46 27.32 -0.20
C ALA A 71 -18.19 27.17 1.29
N LEU A 72 -18.89 26.23 1.92
CA LEU A 72 -18.78 26.00 3.36
C LEU A 72 -17.36 25.59 3.78
N THR A 73 -16.69 24.81 2.93
CA THR A 73 -15.32 24.42 3.20
C THR A 73 -14.40 25.63 3.18
N LEU A 74 -14.71 26.58 2.30
CA LEU A 74 -13.95 27.83 2.23
C LEU A 74 -14.21 28.68 3.46
N LEU A 75 -15.45 28.70 3.92
CA LEU A 75 -15.81 29.41 5.14
C LEU A 75 -15.08 28.83 6.34
N GLY A 76 -14.92 27.51 6.34
CA GLY A 76 -14.20 26.82 7.39
C GLY A 76 -12.72 27.12 7.36
N GLN A 77 -12.15 27.11 6.16
CA GLN A 77 -10.72 27.36 5.98
C GLN A 77 -10.33 28.77 6.42
N ILE A 78 -11.18 29.74 6.10
CA ILE A 78 -10.93 31.13 6.45
C ILE A 78 -11.00 31.35 7.95
N HIS A 79 -12.00 30.75 8.60
CA HIS A 79 -12.18 30.90 10.05
C HIS A 79 -11.12 30.13 10.84
N VAL A 80 -10.30 29.35 10.15
CA VAL A 80 -9.16 28.70 10.78
C VAL A 80 -7.99 29.68 10.82
N GLU A 81 -7.75 30.36 9.70
CA GLU A 81 -6.67 31.34 9.62
C GLU A 81 -6.99 32.56 10.47
N LEU A 82 -8.26 32.76 10.79
CA LEU A 82 -8.70 33.82 11.68
C LEU A 82 -8.39 33.46 13.13
N GLY A 83 -9.13 32.50 13.66
CA GLY A 83 -8.95 32.07 15.03
C GLY A 83 -10.18 31.37 15.59
N ASP A 84 -11.32 31.61 14.94
CA ASP A 84 -12.58 31.02 15.37
C ASP A 84 -12.64 29.55 14.98
N ILE A 85 -12.23 28.69 15.89
CA ILE A 85 -12.24 27.25 15.65
C ILE A 85 -13.66 26.68 15.75
N ASP A 86 -14.44 27.24 16.66
CA ASP A 86 -15.82 26.79 16.87
C ASP A 86 -16.69 26.98 15.63
N ALA A 87 -16.54 28.14 14.98
CA ALA A 87 -17.31 28.42 13.77
C ALA A 87 -16.76 27.64 12.57
N ALA A 88 -15.45 27.50 12.52
CA ALA A 88 -14.80 26.77 11.44
C ALA A 88 -15.17 25.29 11.47
N ARG A 89 -15.29 24.75 12.68
CA ARG A 89 -15.67 23.35 12.86
C ARG A 89 -17.11 23.09 12.43
N ASN A 90 -17.98 24.05 12.70
CA ASN A 90 -19.39 23.94 12.31
C ASN A 90 -19.56 24.09 10.80
N TYR A 91 -18.80 25.00 10.20
CA TYR A 91 -18.80 25.19 8.75
C TYR A 91 -18.42 23.90 8.03
N TYR A 92 -17.28 23.34 8.42
CA TYR A 92 -16.81 22.07 7.88
C TYR A 92 -17.81 20.94 8.14
N ALA A 93 -18.44 20.99 9.31
CA ALA A 93 -19.48 20.02 9.66
C ALA A 93 -20.68 20.15 8.74
N ALA A 94 -21.08 21.39 8.48
CA ALA A 94 -22.21 21.65 7.60
C ALA A 94 -21.86 21.28 6.16
N ALA A 95 -20.60 21.44 5.81
CA ALA A 95 -20.11 21.10 4.48
C ALA A 95 -20.20 19.60 4.23
N VAL A 96 -19.93 18.82 5.27
CA VAL A 96 -20.12 17.38 5.22
C VAL A 96 -21.60 17.00 5.11
N LYS A 97 -22.45 17.69 5.84
CA LYS A 97 -23.83 17.25 5.99
C LYS A 97 -24.53 17.15 4.64
N VAL A 98 -24.29 18.11 3.75
CA VAL A 98 -24.89 18.06 2.43
C VAL A 98 -24.41 16.86 1.60
N ASP A 99 -23.12 16.57 1.66
CA ASP A 99 -22.54 15.47 0.88
C ASP A 99 -21.62 14.56 1.70
N GLU A 100 -22.20 13.70 2.53
CA GLU A 100 -21.40 12.84 3.40
C GLU A 100 -20.48 11.86 2.66
N ASP A 101 -20.96 11.33 1.54
CA ASP A 101 -20.19 10.36 0.78
C ASP A 101 -18.86 10.95 0.31
N GLY A 102 -18.87 12.22 -0.09
CA GLY A 102 -17.66 12.88 -0.52
C GLY A 102 -17.31 12.58 -1.96
N SER A 103 -18.25 11.93 -2.65
CA SER A 103 -18.15 11.60 -4.07
C SER A 103 -18.08 12.81 -4.99
N LEU A 104 -18.83 13.86 -4.64
CA LEU A 104 -19.12 14.98 -5.53
C LEU A 104 -17.89 15.77 -5.98
N PRO A 105 -17.99 16.40 -7.16
CA PRO A 105 -16.83 17.08 -7.73
C PRO A 105 -16.34 18.20 -6.82
N GLU A 106 -15.03 18.38 -6.74
CA GLU A 106 -14.46 19.26 -5.74
C GLU A 106 -15.03 20.65 -5.95
N GLU A 107 -15.21 21.01 -7.20
CA GLU A 107 -15.71 22.34 -7.54
C GLU A 107 -17.03 22.64 -6.83
N LEU A 108 -17.82 21.59 -6.58
CA LEU A 108 -19.12 21.75 -5.90
C LEU A 108 -19.17 21.08 -4.51
N GLY A 109 -18.35 20.06 -4.34
CA GLY A 109 -18.17 19.36 -3.08
C GLY A 109 -17.26 20.06 -2.10
N GLY A 110 -16.24 20.73 -2.61
CA GLY A 110 -15.23 21.35 -1.77
C GLY A 110 -14.11 20.38 -1.42
N GLY A 111 -14.17 19.20 -2.02
CA GLY A 111 -13.10 18.24 -1.90
C GLY A 111 -13.13 17.41 -0.64
N PRO A 112 -12.08 16.63 -0.41
CA PRO A 112 -12.02 15.78 0.77
C PRO A 112 -11.47 16.52 1.98
N GLU A 113 -10.94 17.71 1.77
CA GLU A 113 -10.15 18.39 2.80
C GLU A 113 -10.95 18.59 4.08
N LYS A 114 -12.24 18.85 3.94
CA LYS A 114 -13.04 19.14 5.11
C LYS A 114 -13.00 17.97 6.06
N PHE A 115 -13.09 16.75 5.55
CA PHE A 115 -12.98 15.59 6.43
C PHE A 115 -11.69 15.64 7.22
N LEU A 116 -10.60 15.97 6.53
CA LEU A 116 -9.28 16.01 7.17
C LEU A 116 -9.23 17.06 8.26
N TRP A 117 -9.90 18.19 8.04
CA TRP A 117 -9.88 19.28 9.00
C TRP A 117 -10.88 19.03 10.13
N LEU A 118 -11.89 18.20 9.88
CA LEU A 118 -12.80 17.79 10.95
C LEU A 118 -12.13 16.76 11.84
N ALA A 119 -11.02 16.22 11.36
CA ALA A 119 -10.24 15.26 12.12
C ALA A 119 -9.16 15.98 12.93
N GLN A 120 -8.65 17.07 12.39
CA GLN A 120 -7.64 17.87 13.09
C GLN A 120 -8.28 18.77 14.14
N LEU A 121 -9.41 19.38 13.79
CA LEU A 121 -10.07 20.34 14.67
C LEU A 121 -10.77 19.61 15.83
N SER A 122 -11.00 18.32 15.65
CA SER A 122 -11.77 17.55 16.63
C SER A 122 -10.97 17.73 17.93
N GLU A 123 -11.62 18.27 18.96
CA GLU A 123 -11.03 18.37 20.28
C GLU A 123 -11.14 17.05 21.04
N GLU A 124 -12.09 16.22 20.62
CA GLU A 124 -12.32 14.93 21.26
C GLU A 124 -11.15 13.98 21.02
N GLY A 125 -10.71 13.89 19.77
CA GLY A 125 -9.65 12.97 19.39
C GLY A 125 -10.16 11.54 19.42
N GLY A 126 -9.23 10.59 19.40
CA GLY A 126 -9.58 9.19 19.46
C GLY A 126 -10.30 8.67 18.23
N HIS A 127 -11.21 7.72 18.42
CA HIS A 127 -11.95 7.12 17.32
C HIS A 127 -12.80 8.15 16.58
N ASP A 128 -13.18 9.22 17.28
CA ASP A 128 -13.89 10.33 16.66
C ASP A 128 -13.01 10.99 15.61
N SER A 129 -11.72 11.07 15.90
CA SER A 129 -10.77 11.72 15.00
C SER A 129 -10.38 10.80 13.84
N VAL A 130 -10.09 9.55 14.16
CA VAL A 130 -9.70 8.56 13.16
C VAL A 130 -10.82 8.34 12.15
N ALA A 131 -12.07 8.46 12.62
CA ALA A 131 -13.23 8.32 11.75
C ALA A 131 -13.20 9.32 10.60
N TRP A 132 -12.98 10.59 10.92
CA TRP A 132 -12.94 11.63 9.91
C TRP A 132 -11.71 11.51 9.01
N PHE A 133 -10.60 11.08 9.60
CA PHE A 133 -9.37 10.86 8.84
C PHE A 133 -9.58 9.84 7.72
N GLU A 134 -10.20 8.72 8.06
CA GLU A 134 -10.42 7.65 7.09
C GLU A 134 -11.31 8.08 5.92
N ARG A 135 -12.36 8.83 6.23
CA ARG A 135 -13.28 9.28 5.19
C ARG A 135 -12.48 10.13 4.20
N GLY A 136 -11.78 11.13 4.72
CA GLY A 136 -10.94 11.98 3.90
C GLY A 136 -9.94 11.21 3.05
N ALA A 137 -9.34 10.19 3.65
CA ALA A 137 -8.31 9.40 2.99
C ALA A 137 -8.87 8.57 1.84
N THR A 138 -10.04 7.99 2.05
CA THR A 138 -10.66 7.18 1.04
C THR A 138 -10.95 8.03 -0.18
N VAL A 139 -11.44 9.24 0.04
CA VAL A 139 -11.74 10.12 -1.07
C VAL A 139 -10.48 10.42 -1.84
N LEU A 140 -9.39 10.69 -1.12
CA LEU A 140 -8.13 11.04 -1.75
C LEU A 140 -7.68 9.89 -2.63
N ARG A 141 -7.88 8.67 -2.14
CA ARG A 141 -7.56 7.49 -2.93
C ARG A 141 -8.35 7.46 -4.23
N ALA A 142 -9.62 7.87 -4.15
CA ALA A 142 -10.50 7.87 -5.30
C ALA A 142 -10.09 8.94 -6.31
N GLN A 143 -9.81 10.14 -5.82
CA GLN A 143 -9.41 11.25 -6.69
C GLN A 143 -8.09 10.96 -7.40
N ILE A 144 -7.22 10.23 -6.72
CA ILE A 144 -5.94 9.84 -7.30
C ILE A 144 -6.14 8.81 -8.40
N GLN A 145 -6.98 7.82 -8.14
CA GLN A 145 -7.28 6.78 -9.11
C GLN A 145 -7.96 7.36 -10.34
N SER A 146 -8.84 8.32 -10.13
CA SER A 146 -9.55 8.98 -11.23
C SER A 146 -8.61 9.84 -12.06
N LEU A 147 -7.61 10.41 -11.41
CA LEU A 147 -6.63 11.24 -12.10
C LEU A 147 -5.60 10.40 -12.84
N MET A 148 -5.31 9.21 -12.31
CA MET A 148 -4.41 8.27 -12.98
C MET A 148 -5.07 7.74 -14.24
N ASP A 149 -6.40 7.70 -14.24
CA ASP A 149 -7.17 7.30 -15.41
C ASP A 149 -7.20 8.42 -16.43
N SER A 150 -7.01 9.65 -15.95
CA SER A 150 -6.99 10.82 -16.83
C SER A 150 -5.68 10.90 -17.59
N LEU A 151 -4.62 10.33 -17.01
CA LEU A 151 -3.31 10.28 -17.67
C LEU A 151 -3.34 9.37 -18.88
N GLU A 152 -4.23 8.39 -18.85
CA GLU A 152 -4.39 7.44 -19.94
C GLU A 152 -5.04 8.12 -21.15
N GLN A 153 -6.06 8.94 -20.90
CA GLN A 153 -6.69 9.73 -21.94
C GLN A 153 -5.71 10.80 -22.42
N ARG A 154 -4.84 11.25 -21.50
CA ARG A 154 -3.75 12.22 -21.81
C ARG A 154 -4.10 13.62 -22.38
N PRO A 155 -4.77 14.47 -21.58
CA PRO A 155 -5.45 15.65 -22.12
C PRO A 155 -4.46 16.74 -22.53
N LEU A 156 -3.87 16.54 -23.70
CA LEU A 156 -2.97 17.50 -24.32
C LEU A 156 -1.66 17.58 -23.56
N SER A 157 -1.77 17.95 -22.29
CA SER A 157 -0.60 18.05 -21.44
C SER A 157 -0.77 17.17 -20.21
N ARG A 158 0.17 16.24 -20.06
CA ARG A 158 0.31 15.36 -18.90
C ARG A 158 0.71 16.06 -17.58
N GLY A 159 1.59 17.05 -17.69
CA GLY A 159 2.36 17.54 -16.57
C GLY A 159 1.61 18.13 -15.39
N GLN A 160 0.56 18.89 -15.66
CA GLN A 160 -0.23 19.48 -14.58
C GLN A 160 -0.84 18.36 -13.75
N VAL A 161 -1.28 17.31 -14.44
CA VAL A 161 -1.92 16.15 -13.83
C VAL A 161 -0.94 15.38 -12.95
N GLU A 162 0.31 15.28 -13.42
CA GLU A 162 1.35 14.60 -12.66
C GLU A 162 1.63 15.31 -11.34
N ALA A 163 1.62 16.64 -11.38
CA ALA A 163 1.86 17.44 -10.18
C ALA A 163 0.66 17.39 -9.24
N ALA A 164 -0.54 17.44 -9.80
CA ALA A 164 -1.77 17.42 -9.00
C ALA A 164 -1.93 16.10 -8.27
N ILE A 165 -1.39 15.03 -8.85
CA ILE A 165 -1.41 13.71 -8.21
C ILE A 165 -0.39 13.66 -7.09
N ALA A 166 0.78 14.27 -7.32
CA ALA A 166 1.83 14.34 -6.30
C ALA A 166 1.33 15.07 -5.05
N ASP A 167 0.49 16.09 -5.25
CA ASP A 167 -0.09 16.84 -4.14
C ASP A 167 -1.07 15.98 -3.35
N LYS A 168 -1.90 15.23 -4.07
CA LYS A 168 -2.91 14.38 -3.44
C LYS A 168 -2.27 13.23 -2.68
N ARG A 169 -1.19 12.67 -3.23
CA ARG A 169 -0.46 11.60 -2.57
C ARG A 169 0.17 12.08 -1.27
N ARG A 170 0.79 13.26 -1.33
CA ARG A 170 1.41 13.86 -0.15
C ARG A 170 0.37 14.14 0.92
N ARG A 171 -0.78 14.67 0.50
CA ARG A 171 -1.88 14.93 1.42
C ARG A 171 -2.38 13.63 2.04
N LEU A 172 -2.46 12.58 1.21
CA LEU A 172 -2.86 11.27 1.67
C LEU A 172 -1.82 10.72 2.65
N ALA A 173 -0.55 10.95 2.33
CA ALA A 173 0.55 10.54 3.18
C ALA A 173 0.49 11.26 4.53
N GLU A 174 0.28 12.58 4.47
CA GLU A 174 0.11 13.40 5.67
C GLU A 174 -1.00 12.84 6.56
N THR A 175 -2.08 12.41 5.92
CA THR A 175 -3.23 11.88 6.65
C THR A 175 -2.94 10.52 7.27
N LEU A 176 -2.31 9.64 6.51
CA LEU A 176 -1.96 8.30 6.98
C LEU A 176 -1.10 8.36 8.24
N CYS A 177 0.00 9.10 8.15
CA CYS A 177 0.92 9.27 9.27
C CYS A 177 0.20 9.89 10.48
N ALA A 178 -0.77 10.75 10.21
CA ALA A 178 -1.52 11.42 11.27
C ALA A 178 -2.40 10.44 12.03
N VAL A 179 -2.91 9.43 11.32
CA VAL A 179 -3.73 8.40 11.95
C VAL A 179 -2.86 7.54 12.86
N VAL A 180 -1.65 7.23 12.40
CA VAL A 180 -0.71 6.44 13.20
C VAL A 180 -0.44 7.11 14.54
N GLU A 181 -0.21 8.42 14.50
CA GLU A 181 0.10 9.19 15.71
C GLU A 181 -1.03 9.10 16.72
N VAL A 182 -2.26 9.00 16.23
CA VAL A 182 -3.42 8.84 17.10
C VAL A 182 -3.43 7.44 17.71
N TYR A 183 -3.06 6.45 16.90
CA TYR A 183 -2.96 5.07 17.37
C TYR A 183 -1.68 4.86 18.18
N MET A 184 -0.75 5.80 18.08
CA MET A 184 0.48 5.75 18.86
C MET A 184 0.35 6.53 20.16
N THR A 185 -0.81 7.14 20.36
CA THR A 185 -1.01 7.99 21.54
C THR A 185 -2.37 7.76 22.19
N ASP A 186 -3.41 8.36 21.60
CA ASP A 186 -4.76 8.29 22.16
C ASP A 186 -5.28 6.87 22.22
N LEU A 187 -5.34 6.21 21.07
CA LEU A 187 -5.91 4.87 20.98
C LEU A 187 -4.84 3.79 21.09
N SER A 188 -4.87 3.05 22.20
CA SER A 188 -3.92 1.96 22.43
C SER A 188 -4.55 0.86 23.26
N TRP A 189 -5.81 0.55 22.98
CA TRP A 189 -6.53 -0.46 23.75
C TRP A 189 -6.49 -1.82 23.08
N GLU A 190 -7.19 -1.94 21.95
CA GLU A 190 -7.31 -3.22 21.26
C GLU A 190 -6.03 -3.58 20.53
N ASP A 191 -5.90 -4.85 20.17
CA ASP A 191 -4.79 -5.32 19.35
C ASP A 191 -4.91 -4.73 17.95
N ASP A 192 -6.12 -4.30 17.61
CA ASP A 192 -6.41 -3.63 16.35
C ASP A 192 -5.48 -2.45 16.10
N ALA A 193 -5.08 -1.78 17.18
CA ALA A 193 -4.21 -0.61 17.09
C ALA A 193 -2.86 -0.92 16.46
N GLU A 194 -2.40 -2.15 16.60
CA GLU A 194 -1.08 -2.52 16.10
C GLU A 194 -1.09 -2.83 14.60
N GLN A 195 -2.04 -3.66 14.16
CA GLN A 195 -2.11 -4.05 12.76
C GLN A 195 -2.51 -2.88 11.86
N ARG A 196 -3.36 -2.01 12.38
CA ARG A 196 -3.76 -0.79 11.67
C ARG A 196 -2.55 0.04 11.29
N CYS A 197 -1.66 0.24 12.26
CA CYS A 197 -0.44 1.03 12.04
C CYS A 197 0.49 0.37 11.02
N GLU A 198 0.65 -0.94 11.13
CA GLU A 198 1.54 -1.69 10.25
C GLU A 198 1.12 -1.58 8.79
N ALA A 199 -0.19 -1.43 8.57
CA ALA A 199 -0.71 -1.26 7.22
C ALA A 199 -0.60 0.19 6.77
N LEU A 200 -0.79 1.11 7.71
CA LEU A 200 -0.70 2.54 7.41
C LEU A 200 0.69 2.94 6.97
N ILE A 201 1.71 2.40 7.64
CA ILE A 201 3.09 2.69 7.26
C ILE A 201 3.45 1.98 5.96
N THR A 202 2.75 0.89 5.66
CA THR A 202 2.98 0.16 4.42
C THR A 202 2.51 0.98 3.23
N GLU A 203 1.31 1.54 3.34
CA GLU A 203 0.75 2.40 2.31
C GLU A 203 1.54 3.71 2.21
N ALA A 204 1.89 4.27 3.36
CA ALA A 204 2.65 5.52 3.42
C ALA A 204 4.03 5.35 2.79
N THR A 205 4.56 4.14 2.87
CA THR A 205 5.85 3.84 2.29
C THR A 205 5.76 3.82 0.76
N MET A 206 4.60 3.44 0.25
CA MET A 206 4.39 3.35 -1.20
C MET A 206 4.16 4.73 -1.84
N ILE A 207 3.29 5.53 -1.25
CA ILE A 207 2.87 6.78 -1.87
C ILE A 207 3.85 7.94 -1.67
N ALA A 208 4.63 7.91 -0.60
CA ALA A 208 5.58 9.00 -0.34
C ALA A 208 6.89 8.50 0.27
N PRO A 209 7.70 7.80 -0.53
CA PRO A 209 9.00 7.33 -0.04
C PRO A 209 10.05 8.43 0.04
N GLU A 210 9.71 9.60 -0.48
CA GLU A 210 10.62 10.74 -0.50
C GLU A 210 10.37 11.66 0.68
N TRP A 211 9.39 11.33 1.50
CA TRP A 211 9.02 12.21 2.59
C TRP A 211 9.61 11.75 3.87
N PRO A 212 10.36 12.66 4.51
CA PRO A 212 11.10 12.34 5.73
C PRO A 212 10.17 11.92 6.87
N GLU A 213 9.01 12.56 6.97
CA GLU A 213 8.08 12.29 8.05
C GLU A 213 7.61 10.84 8.03
N THR A 214 7.36 10.30 6.84
CA THR A 214 6.90 8.92 6.75
C THR A 214 7.82 7.97 7.48
N TRP A 215 9.13 8.12 7.24
CA TRP A 215 10.11 7.23 7.85
C TRP A 215 10.26 7.51 9.34
N GLN A 216 9.86 8.71 9.76
CA GLN A 216 9.80 9.02 11.19
C GLN A 216 8.58 8.31 11.79
N THR A 217 7.53 8.20 11.00
CA THR A 217 6.33 7.49 11.40
C THR A 217 6.60 5.98 11.42
N VAL A 218 7.41 5.53 10.45
CA VAL A 218 7.86 4.14 10.43
C VAL A 218 8.70 3.84 11.66
N ALA A 219 9.67 4.70 11.92
CA ALA A 219 10.58 4.55 13.05
C ALA A 219 9.82 4.54 14.38
N ASN A 220 8.83 5.41 14.50
CA ASN A 220 8.05 5.51 15.73
C ASN A 220 7.28 4.23 16.02
N VAL A 221 6.72 3.63 14.97
CA VAL A 221 5.99 2.37 15.10
C VAL A 221 6.92 1.25 15.55
N ARG A 222 8.10 1.18 14.94
CA ARG A 222 9.09 0.16 15.27
C ARG A 222 9.52 0.21 16.73
N ILE A 223 9.49 1.42 17.30
CA ILE A 223 9.84 1.61 18.70
C ILE A 223 8.77 0.99 19.62
N SER A 224 7.51 1.14 19.23
CA SER A 224 6.40 0.53 19.97
C SER A 224 6.48 -0.99 19.89
N GLN A 225 7.00 -1.49 18.77
CA GLN A 225 7.18 -2.92 18.57
C GLN A 225 8.51 -3.38 19.15
N GLU A 226 9.21 -2.45 19.83
CA GLU A 226 10.50 -2.70 20.47
C GLU A 226 11.59 -3.12 19.47
N ARG A 227 11.28 -3.06 18.18
CA ARG A 227 12.24 -3.38 17.14
C ARG A 227 13.22 -2.21 16.98
N THR A 228 14.09 -2.06 17.97
CA THR A 228 14.97 -0.90 18.10
C THR A 228 15.86 -0.66 16.89
N GLU A 229 16.52 -1.71 16.41
CA GLU A 229 17.45 -1.59 15.30
C GLU A 229 16.75 -1.18 14.01
N GLU A 230 15.50 -1.61 13.85
CA GLU A 230 14.73 -1.25 12.67
C GLU A 230 14.33 0.22 12.71
N ALA A 231 14.16 0.76 13.91
CA ALA A 231 13.83 2.17 14.08
C ALA A 231 15.00 3.03 13.64
N ARG A 232 16.21 2.55 13.92
CA ARG A 232 17.45 3.20 13.48
C ARG A 232 17.48 3.38 11.98
N GLU A 233 17.23 2.29 11.26
CA GLU A 233 17.30 2.27 9.80
C GLU A 233 16.36 3.30 9.16
N ALA A 234 15.18 3.46 9.76
CA ALA A 234 14.21 4.42 9.25
C ALA A 234 14.70 5.86 9.50
N LEU A 235 15.11 6.13 10.72
CA LEU A 235 15.58 7.46 11.10
C LEU A 235 16.81 7.86 10.28
N ARG A 236 17.68 6.90 10.00
CA ARG A 236 18.84 7.16 9.15
C ARG A 236 18.41 7.55 7.75
N ARG A 237 17.44 6.82 7.22
CA ARG A 237 16.91 7.09 5.87
C ARG A 237 16.16 8.42 5.84
N SER A 238 15.42 8.70 6.90
CA SER A 238 14.69 9.95 7.02
C SER A 238 15.63 11.14 7.04
N LEU A 239 16.70 11.01 7.81
CA LEU A 239 17.73 12.04 7.90
C LEU A 239 18.38 12.27 6.54
N GLY A 240 18.79 11.19 5.88
CA GLY A 240 19.49 11.27 4.61
C GLY A 240 18.71 11.91 3.48
N LEU A 241 17.43 12.19 3.72
CA LEU A 241 16.57 12.78 2.69
C LEU A 241 16.54 14.30 2.76
N TRP A 242 17.14 14.88 3.79
CA TRP A 242 17.11 16.34 3.94
C TRP A 242 18.31 16.91 4.68
N THR A 243 19.10 16.04 5.32
CA THR A 243 20.21 16.49 6.14
C THR A 243 21.25 17.30 5.34
N HIS A 244 21.27 17.07 4.03
CA HIS A 244 22.22 17.75 3.16
C HIS A 244 21.59 18.99 2.52
N LEU A 245 20.27 19.02 2.50
CA LEU A 245 19.51 20.06 1.83
C LEU A 245 19.75 21.43 2.46
N PRO A 246 19.76 22.48 1.65
CA PRO A 246 19.93 23.84 2.16
C PRO A 246 18.77 24.25 3.07
N PRO A 247 19.06 24.99 4.13
CA PRO A 247 18.02 25.37 5.08
C PRO A 247 16.89 26.08 4.34
N GLU A 248 17.28 26.86 3.35
CA GLU A 248 16.36 27.60 2.49
C GLU A 248 15.46 26.67 1.69
N ASP A 249 16.02 25.55 1.23
CA ASP A 249 15.29 24.66 0.34
C ASP A 249 14.02 24.15 1.00
N PRO A 250 12.98 23.98 0.19
CA PRO A 250 11.64 23.62 0.64
C PRO A 250 11.53 22.28 1.38
N GLY A 251 12.32 21.30 0.96
CA GLY A 251 12.15 19.91 1.37
C GLY A 251 12.23 19.60 2.86
N VAL A 252 13.02 20.37 3.59
CA VAL A 252 13.30 20.06 4.99
C VAL A 252 12.05 20.03 5.87
N PRO A 253 12.00 19.11 6.83
CA PRO A 253 10.82 18.94 7.67
C PRO A 253 10.53 20.17 8.53
N PRO A 254 9.25 20.51 8.70
CA PRO A 254 8.85 21.66 9.52
C PRO A 254 9.48 21.61 10.90
N PHE A 255 9.54 22.75 11.58
CA PHE A 255 10.16 22.83 12.89
C PHE A 255 9.59 21.84 13.91
N PRO A 256 8.25 21.78 14.07
CA PRO A 256 7.76 20.85 15.11
C PRO A 256 7.97 19.37 14.75
N SER A 257 8.33 19.10 13.50
CA SER A 257 8.63 17.74 13.08
C SER A 257 10.05 17.36 13.49
N ARG A 258 11.00 18.25 13.21
CA ARG A 258 12.40 18.02 13.57
C ARG A 258 12.59 17.93 15.08
N VAL A 259 11.72 18.60 15.83
CA VAL A 259 11.73 18.49 17.28
C VAL A 259 11.27 17.10 17.70
N SER A 260 10.26 16.59 17.01
CA SER A 260 9.77 15.23 17.23
C SER A 260 10.80 14.21 16.75
N LEU A 261 11.59 14.59 15.75
CA LEU A 261 12.67 13.75 15.26
C LEU A 261 13.72 13.54 16.34
N VAL A 262 14.12 14.65 16.98
CA VAL A 262 15.08 14.60 18.08
C VAL A 262 14.60 13.66 19.19
N ARG A 263 13.34 13.81 19.56
CA ARG A 263 12.74 13.01 20.62
C ARG A 263 12.80 11.52 20.30
N LEU A 264 12.79 11.20 19.01
CA LEU A 264 12.92 9.82 18.55
C LEU A 264 14.37 9.38 18.64
N LEU A 265 15.27 10.18 18.07
CA LEU A 265 16.68 9.85 17.99
C LEU A 265 17.27 9.49 19.36
N ILE A 266 16.83 10.21 20.38
CA ILE A 266 17.26 9.95 21.75
C ILE A 266 16.71 8.62 22.26
N GLU A 267 15.48 8.31 21.83
CA GLU A 267 14.81 7.10 22.27
C GLU A 267 15.51 5.85 21.73
N VAL A 268 16.08 5.97 20.53
CA VAL A 268 16.76 4.84 19.90
C VAL A 268 18.26 4.95 20.10
N ASP A 269 18.66 5.73 21.10
CA ASP A 269 20.06 5.94 21.45
C ASP A 269 20.90 6.43 20.27
N MET A 270 20.38 7.40 19.54
CA MET A 270 21.11 8.03 18.45
C MET A 270 21.37 9.50 18.79
N GLU A 271 22.06 9.72 19.91
CA GLU A 271 22.25 11.07 20.44
C GLU A 271 23.12 11.95 19.54
N GLU A 272 24.16 11.35 18.94
CA GLU A 272 25.07 12.10 18.08
C GLU A 272 24.35 12.76 16.91
N GLU A 273 23.35 12.07 16.37
CA GLU A 273 22.53 12.61 15.30
C GLU A 273 21.68 13.78 15.81
N ALA A 274 21.15 13.62 17.01
CA ALA A 274 20.28 14.63 17.60
C ALA A 274 21.01 15.95 17.84
N LEU A 275 22.29 15.86 18.16
CA LEU A 275 23.11 17.04 18.41
C LEU A 275 23.15 17.95 17.19
N GLU A 276 23.34 17.33 16.02
CA GLU A 276 23.39 18.07 14.77
C GLU A 276 22.04 18.69 14.42
N VAL A 277 20.96 18.01 14.83
CA VAL A 277 19.61 18.51 14.54
C VAL A 277 19.26 19.71 15.41
N THR A 278 19.40 19.56 16.72
CA THR A 278 19.10 20.64 17.66
C THR A 278 19.92 21.84 17.22
N GLU A 279 21.23 21.60 17.05
CA GLU A 279 22.18 22.67 16.74
C GLU A 279 21.69 23.55 15.58
N ARG A 280 21.00 22.94 14.64
CA ARG A 280 20.42 23.68 13.52
C ARG A 280 19.15 24.43 13.95
N LEU A 281 18.41 23.84 14.88
CA LEU A 281 17.14 24.42 15.33
C LEU A 281 17.34 25.70 16.14
N ILE A 282 18.42 25.75 16.90
CA ILE A 282 18.74 26.92 17.72
C ILE A 282 18.99 28.14 16.85
N ALA A 283 19.71 27.93 15.75
CA ALA A 283 20.02 29.01 14.81
C ALA A 283 18.76 29.54 14.13
N GLU A 284 17.83 28.64 13.81
CA GLU A 284 16.60 29.01 13.12
C GLU A 284 15.61 29.69 14.07
N ASP A 285 15.73 29.40 15.36
CA ASP A 285 14.83 29.99 16.35
C ASP A 285 15.46 29.98 17.74
N ASP A 286 15.91 31.14 18.18
CA ASP A 286 16.54 31.27 19.50
C ASP A 286 15.52 31.57 20.59
N LEU A 287 14.30 31.07 20.41
CA LEU A 287 13.24 31.34 21.37
C LEU A 287 12.59 30.04 21.86
N SER A 288 12.79 28.97 21.11
CA SER A 288 12.22 27.66 21.45
C SER A 288 12.82 27.13 22.75
N VAL A 289 11.97 26.62 23.62
CA VAL A 289 12.40 26.18 24.95
C VAL A 289 12.70 24.69 25.00
N GLU A 290 11.78 23.87 24.48
CA GLU A 290 11.93 22.41 24.53
C GLU A 290 13.15 21.93 23.75
N VAL A 291 13.50 22.66 22.69
CA VAL A 291 14.63 22.30 21.85
C VAL A 291 15.94 22.30 22.63
N TRP A 292 16.09 23.30 23.50
CA TRP A 292 17.28 23.41 24.34
C TRP A 292 17.36 22.28 25.36
N TYR A 293 16.24 21.99 26.01
CA TYR A 293 16.19 20.92 27.00
C TYR A 293 16.43 19.56 26.35
N LEU A 294 16.01 19.42 25.10
CA LEU A 294 16.27 18.20 24.33
C LEU A 294 17.74 18.06 24.01
N GLY A 295 18.32 19.10 23.42
CA GLY A 295 19.73 19.11 23.08
C GLY A 295 20.62 18.93 24.29
N GLY A 296 20.13 19.36 25.44
CA GLY A 296 20.84 19.16 26.69
C GLY A 296 20.75 17.73 27.17
N TYR A 297 19.53 17.21 27.19
CA TYR A 297 19.28 15.83 27.61
C TYR A 297 19.96 14.85 26.66
N ALA A 298 20.20 15.31 25.44
CA ALA A 298 20.91 14.53 24.44
C ALA A 298 22.38 14.34 24.83
N ARG A 299 23.05 15.47 25.09
CA ARG A 299 24.46 15.45 25.47
C ARG A 299 24.67 14.83 26.84
N TYR A 300 23.65 14.92 27.70
CA TYR A 300 23.70 14.29 29.00
C TYR A 300 23.83 12.78 28.86
N ARG A 301 22.89 12.17 28.15
CA ARG A 301 22.92 10.73 27.90
C ARG A 301 24.16 10.33 27.13
N LEU A 302 24.53 11.15 26.15
CA LEU A 302 25.74 10.91 25.36
C LEU A 302 26.95 10.91 26.28
N GLY A 303 26.95 11.79 27.27
CA GLY A 303 28.01 11.84 28.27
C GLY A 303 28.02 10.61 29.14
N GLU A 304 26.83 10.14 29.51
CA GLU A 304 26.70 8.95 30.35
C GLU A 304 27.22 7.70 29.64
N LYS A 305 27.20 7.73 28.30
CA LYS A 305 27.74 6.63 27.51
C LYS A 305 29.28 6.67 27.50
N GLU A 306 29.83 7.88 27.59
CA GLU A 306 31.28 8.06 27.61
C GLU A 306 31.86 7.64 28.95
N ARG A 307 31.12 7.92 30.01
CA ARG A 307 31.54 7.52 31.36
C ARG A 307 31.50 6.01 31.52
N GLU A 308 30.81 5.35 30.58
CA GLU A 308 30.70 3.90 30.59
C GLU A 308 31.88 3.25 29.86
N ALA A 309 32.51 4.02 28.98
CA ALA A 309 33.66 3.53 28.20
C ALA A 309 34.80 3.09 29.10
N SER A 310 35.25 3.98 29.98
CA SER A 310 36.34 3.66 30.91
C SER A 310 35.83 2.87 32.10
N GLY A 311 34.82 3.40 32.77
CA GLY A 311 34.24 2.75 33.94
C GLY A 311 33.46 3.70 34.81
N ILE B 29 34.68 -30.98 -7.11
CA ILE B 29 35.42 -30.19 -6.12
C ILE B 29 34.96 -28.75 -6.12
N ASN B 30 33.69 -28.54 -6.48
CA ASN B 30 33.11 -27.21 -6.48
C ASN B 30 31.63 -27.28 -6.10
N PRO B 31 31.26 -26.58 -5.03
CA PRO B 31 29.88 -26.63 -4.50
C PRO B 31 28.86 -25.99 -5.45
N LYS B 32 29.11 -24.75 -5.85
CA LYS B 32 28.17 -24.00 -6.67
C LYS B 32 28.02 -24.56 -8.09
N GLU B 33 28.98 -25.37 -8.51
CA GLU B 33 29.00 -25.90 -9.87
C GLU B 33 27.83 -26.85 -10.14
N LEU B 34 27.57 -27.76 -9.20
CA LEU B 34 26.50 -28.74 -9.35
C LEU B 34 25.12 -28.10 -9.36
N LEU B 35 24.96 -27.03 -8.57
CA LEU B 35 23.70 -26.32 -8.50
C LEU B 35 23.40 -25.58 -9.79
N ASP B 36 24.43 -24.94 -10.35
CA ASP B 36 24.30 -24.19 -11.60
C ASP B 36 23.97 -25.12 -12.76
N ARG B 37 24.42 -26.37 -12.65
CA ARG B 37 24.12 -27.39 -13.66
C ARG B 37 22.74 -27.98 -13.41
N ALA B 38 22.37 -28.11 -12.15
CA ALA B 38 21.06 -28.63 -11.77
C ALA B 38 19.95 -27.72 -12.28
N THR B 39 20.18 -26.41 -12.18
CA THR B 39 19.23 -25.43 -12.69
C THR B 39 19.15 -25.49 -14.21
N THR B 40 20.30 -25.71 -14.85
CA THR B 40 20.36 -25.81 -16.30
C THR B 40 19.65 -27.06 -16.80
N LEU B 41 19.82 -28.16 -16.07
CA LEU B 41 19.17 -29.42 -16.40
C LEU B 41 17.66 -29.34 -16.16
N LEU B 42 17.26 -28.45 -15.25
CA LEU B 42 15.84 -28.25 -14.95
C LEU B 42 15.18 -27.44 -16.06
N GLU B 43 15.94 -26.54 -16.67
CA GLU B 43 15.43 -25.74 -17.79
C GLU B 43 15.54 -26.54 -19.09
N GLU B 44 16.36 -27.57 -19.07
CA GLU B 44 16.55 -28.43 -20.24
C GLU B 44 15.31 -29.28 -20.48
N GLY B 45 14.50 -29.44 -19.43
CA GLY B 45 13.30 -30.25 -19.50
C GLY B 45 13.55 -31.61 -18.88
N ASP B 46 14.82 -31.93 -18.68
CA ASP B 46 15.22 -33.20 -18.10
C ASP B 46 15.18 -33.13 -16.58
N ILE B 47 14.04 -33.48 -16.00
CA ILE B 47 13.83 -33.32 -14.57
C ILE B 47 14.39 -34.49 -13.77
N GLU B 48 14.39 -35.67 -14.38
CA GLU B 48 14.88 -36.88 -13.71
C GLU B 48 16.34 -36.74 -13.28
N THR B 49 17.22 -36.42 -14.23
CA THR B 49 18.65 -36.28 -13.93
C THR B 49 18.92 -35.03 -13.11
N ALA B 50 18.09 -34.01 -13.30
CA ALA B 50 18.22 -32.76 -12.54
C ALA B 50 17.99 -33.01 -11.06
N ALA B 51 17.03 -33.90 -10.76
CA ALA B 51 16.75 -34.27 -9.39
C ALA B 51 17.92 -35.05 -8.79
N LYS B 52 18.64 -35.76 -9.65
CA LYS B 52 19.77 -36.58 -9.22
C LYS B 52 21.01 -35.72 -8.92
N VAL B 53 21.31 -34.80 -9.83
CA VAL B 53 22.46 -33.91 -9.68
C VAL B 53 22.29 -33.00 -8.46
N ALA B 54 21.08 -32.47 -8.29
CA ALA B 54 20.78 -31.58 -7.18
C ALA B 54 20.85 -32.30 -5.84
N ARG B 55 20.32 -33.53 -5.80
CA ARG B 55 20.32 -34.32 -4.57
C ARG B 55 21.74 -34.70 -4.17
N THR B 56 22.60 -34.89 -5.17
CA THR B 56 24.00 -35.22 -4.93
C THR B 56 24.75 -33.96 -4.51
N ALA B 57 24.32 -32.82 -5.04
CA ALA B 57 24.94 -31.53 -4.73
C ALA B 57 24.83 -31.19 -3.25
N TYR B 58 23.67 -31.47 -2.67
CA TYR B 58 23.40 -31.15 -1.28
C TYR B 58 24.21 -32.01 -0.32
N GLU B 59 24.58 -33.21 -0.77
CA GLU B 59 25.37 -34.12 0.04
C GLU B 59 26.75 -33.53 0.37
N HIS B 60 27.36 -32.89 -0.62
CA HIS B 60 28.68 -32.28 -0.43
C HIS B 60 28.59 -30.99 0.38
N ILE B 61 27.46 -30.31 0.27
CA ILE B 61 27.25 -29.05 0.97
C ILE B 61 27.13 -29.27 2.48
N GLY B 62 26.35 -30.29 2.85
CA GLY B 62 26.17 -30.62 4.25
C GLY B 62 24.85 -30.11 4.80
N GLU B 63 24.47 -30.60 5.97
CA GLU B 63 23.22 -30.20 6.61
C GLU B 63 23.28 -28.75 7.09
N ASN B 64 24.47 -28.32 7.49
CA ASN B 64 24.66 -26.94 7.95
C ASN B 64 25.69 -26.20 7.09
N GLY B 65 25.72 -26.53 5.81
CA GLY B 65 26.65 -25.90 4.88
C GLY B 65 26.36 -24.43 4.65
N ARG B 66 27.13 -23.80 3.77
CA ARG B 66 26.96 -22.39 3.48
C ARG B 66 25.87 -22.16 2.44
N HIS B 67 25.63 -23.17 1.60
CA HIS B 67 24.60 -23.08 0.57
C HIS B 67 23.52 -24.14 0.79
N ALA B 68 23.18 -24.37 2.05
CA ALA B 68 22.17 -25.38 2.40
C ALA B 68 20.78 -24.95 1.95
N GLY B 69 20.43 -23.70 2.24
CA GLY B 69 19.12 -23.18 1.89
C GLY B 69 18.88 -23.12 0.39
N ALA B 70 19.81 -22.51 -0.33
CA ALA B 70 19.69 -22.35 -1.77
C ALA B 70 19.59 -23.69 -2.49
N ALA B 71 20.20 -24.71 -1.93
CA ALA B 71 20.17 -26.05 -2.52
C ALA B 71 18.83 -26.73 -2.26
N LEU B 72 18.40 -26.71 -1.01
CA LEU B 72 17.16 -27.39 -0.60
C LEU B 72 15.93 -26.82 -1.31
N THR B 73 15.94 -25.51 -1.54
CA THR B 73 14.84 -24.87 -2.26
C THR B 73 14.76 -25.39 -3.70
N LEU B 74 15.92 -25.67 -4.28
CA LEU B 74 15.99 -26.22 -5.62
C LEU B 74 15.51 -27.67 -5.62
N LEU B 75 15.83 -28.41 -4.58
CA LEU B 75 15.37 -29.78 -4.42
C LEU B 75 13.85 -29.83 -4.31
N GLY B 76 13.28 -28.82 -3.66
CA GLY B 76 11.84 -28.72 -3.51
C GLY B 76 11.17 -28.36 -4.83
N GLN B 77 11.77 -27.44 -5.56
CA GLN B 77 11.21 -26.98 -6.84
C GLN B 77 11.17 -28.10 -7.87
N ILE B 78 12.22 -28.91 -7.89
CA ILE B 78 12.32 -30.04 -8.82
C ILE B 78 11.29 -31.11 -8.50
N HIS B 79 11.13 -31.42 -7.21
CA HIS B 79 10.19 -32.45 -6.79
C HIS B 79 8.73 -31.99 -6.90
N VAL B 80 8.53 -30.74 -7.29
CA VAL B 80 7.21 -30.24 -7.59
C VAL B 80 6.86 -30.54 -9.05
N GLU B 81 7.80 -30.24 -9.94
CA GLU B 81 7.62 -30.49 -11.36
C GLU B 81 7.59 -31.99 -11.65
N LEU B 82 8.13 -32.78 -10.72
CA LEU B 82 8.08 -34.23 -10.81
C LEU B 82 6.70 -34.75 -10.44
N GLY B 83 6.37 -34.67 -9.15
CA GLY B 83 5.09 -35.13 -8.65
C GLY B 83 5.13 -35.43 -7.17
N ASP B 84 6.33 -35.62 -6.63
CA ASP B 84 6.50 -35.93 -5.22
C ASP B 84 6.32 -34.68 -4.36
N ILE B 85 5.07 -34.44 -3.95
CA ILE B 85 4.75 -33.28 -3.13
C ILE B 85 5.27 -33.46 -1.70
N ASP B 86 5.20 -34.68 -1.19
CA ASP B 86 5.63 -34.99 0.17
C ASP B 86 7.12 -34.70 0.37
N ALA B 87 7.94 -35.05 -0.62
CA ALA B 87 9.37 -34.80 -0.53
C ALA B 87 9.69 -33.34 -0.80
N ALA B 88 8.93 -32.73 -1.71
CA ALA B 88 9.12 -31.31 -2.05
C ALA B 88 8.80 -30.42 -0.86
N ARG B 89 7.76 -30.80 -0.11
CA ARG B 89 7.35 -30.04 1.05
C ARG B 89 8.34 -30.19 2.20
N ASN B 90 8.94 -31.37 2.32
CA ASN B 90 9.95 -31.63 3.34
C ASN B 90 11.25 -30.88 3.02
N TYR B 91 11.59 -30.81 1.74
CA TYR B 91 12.78 -30.08 1.30
C TYR B 91 12.66 -28.60 1.61
N TYR B 92 11.53 -28.01 1.19
CA TYR B 92 11.25 -26.60 1.47
C TYR B 92 11.30 -26.39 2.98
N ALA B 93 10.65 -27.27 3.72
CA ALA B 93 10.58 -27.15 5.18
C ALA B 93 11.98 -27.19 5.79
N ALA B 94 12.84 -28.02 5.21
CA ALA B 94 14.21 -28.12 5.66
C ALA B 94 15.00 -26.87 5.27
N ALA B 95 14.63 -26.29 4.13
CA ALA B 95 15.27 -25.08 3.63
C ALA B 95 14.98 -23.90 4.55
N VAL B 96 13.76 -23.89 5.11
CA VAL B 96 13.36 -22.91 6.11
C VAL B 96 14.09 -23.04 7.44
N LYS B 97 14.27 -24.28 7.89
CA LYS B 97 14.94 -24.58 9.17
C LYS B 97 16.34 -23.96 9.24
N VAL B 98 17.04 -23.96 8.12
CA VAL B 98 18.34 -23.31 8.00
C VAL B 98 18.27 -21.78 8.12
N ASP B 99 17.27 -21.19 7.49
CA ASP B 99 17.15 -19.74 7.38
C ASP B 99 15.77 -19.22 7.74
N GLU B 100 15.46 -19.17 9.04
CA GLU B 100 14.16 -18.74 9.52
C GLU B 100 13.81 -17.29 9.20
N ASP B 101 14.80 -16.40 9.33
CA ASP B 101 14.57 -14.98 9.13
C ASP B 101 14.17 -14.65 7.69
N GLY B 102 14.81 -15.31 6.74
CA GLY B 102 14.70 -14.96 5.34
C GLY B 102 15.67 -13.84 4.99
N SER B 103 16.49 -13.47 5.97
CA SER B 103 17.49 -12.42 5.84
C SER B 103 18.59 -12.73 4.81
N LEU B 104 19.00 -14.00 4.75
CA LEU B 104 20.20 -14.42 4.01
C LEU B 104 20.11 -14.20 2.49
N PRO B 105 21.24 -13.87 1.87
CA PRO B 105 21.24 -13.54 0.44
C PRO B 105 20.67 -14.70 -0.38
N GLU B 106 19.84 -14.37 -1.37
CA GLU B 106 19.14 -15.39 -2.14
C GLU B 106 20.09 -16.42 -2.74
N GLU B 107 21.33 -16.02 -2.96
CA GLU B 107 22.36 -16.93 -3.46
C GLU B 107 22.65 -18.05 -2.46
N LEU B 108 22.45 -17.75 -1.19
CA LEU B 108 22.72 -18.72 -0.12
C LEU B 108 21.42 -19.22 0.51
N GLY B 109 20.57 -18.24 0.86
CA GLY B 109 19.24 -18.45 1.42
C GLY B 109 18.18 -19.06 0.53
N GLY B 110 18.16 -18.68 -0.74
CA GLY B 110 17.10 -19.07 -1.65
C GLY B 110 15.90 -18.16 -1.55
N GLY B 111 16.03 -17.12 -0.72
CA GLY B 111 15.04 -16.07 -0.58
C GLY B 111 13.63 -16.43 -0.15
N PRO B 112 12.63 -15.84 -0.81
CA PRO B 112 11.23 -15.99 -0.40
C PRO B 112 10.42 -17.08 -1.11
N GLU B 113 11.02 -17.79 -2.06
CA GLU B 113 10.27 -18.77 -2.85
C GLU B 113 9.79 -19.94 -1.99
N LYS B 114 10.65 -20.36 -1.06
CA LYS B 114 10.36 -21.50 -0.21
C LYS B 114 9.13 -21.25 0.69
N PHE B 115 9.02 -20.04 1.23
CA PHE B 115 7.91 -19.70 2.10
C PHE B 115 6.61 -19.75 1.32
N LEU B 116 6.64 -19.21 0.12
CA LEU B 116 5.45 -19.14 -0.72
C LEU B 116 4.96 -20.54 -1.10
N TRP B 117 5.90 -21.38 -1.50
CA TRP B 117 5.63 -22.73 -1.97
C TRP B 117 5.03 -23.57 -0.89
N LEU B 118 5.55 -23.41 0.32
CA LEU B 118 5.07 -24.18 1.45
C LEU B 118 3.60 -23.87 1.68
N ALA B 119 3.23 -22.61 1.50
CA ALA B 119 1.85 -22.21 1.71
C ALA B 119 0.95 -22.80 0.63
N GLN B 120 1.49 -22.90 -0.59
CA GLN B 120 0.76 -23.51 -1.70
C GLN B 120 0.66 -25.02 -1.52
N LEU B 121 1.70 -25.63 -0.98
CA LEU B 121 1.76 -27.08 -0.82
C LEU B 121 1.01 -27.50 0.45
N SER B 122 0.88 -26.58 1.40
CA SER B 122 0.21 -26.87 2.66
C SER B 122 -1.16 -27.45 2.33
N GLU B 123 -1.39 -28.69 2.78
CA GLU B 123 -2.70 -29.33 2.65
C GLU B 123 -3.64 -28.88 3.75
N GLU B 124 -3.07 -28.37 4.84
CA GLU B 124 -3.85 -27.91 5.98
C GLU B 124 -4.66 -26.67 5.63
N GLY B 125 -4.03 -25.74 4.90
CA GLY B 125 -4.67 -24.49 4.56
C GLY B 125 -4.91 -23.64 5.80
N GLY B 126 -5.80 -22.65 5.69
CA GLY B 126 -6.16 -21.82 6.80
C GLY B 126 -5.00 -20.97 7.32
N HIS B 127 -5.00 -20.73 8.62
CA HIS B 127 -3.96 -19.92 9.27
C HIS B 127 -2.56 -20.51 9.08
N ASP B 128 -2.50 -21.82 8.85
CA ASP B 128 -1.23 -22.48 8.57
C ASP B 128 -0.68 -22.01 7.22
N SER B 129 -1.56 -21.88 6.23
CA SER B 129 -1.16 -21.44 4.91
C SER B 129 -0.87 -19.94 4.88
N VAL B 130 -1.67 -19.19 5.62
CA VAL B 130 -1.49 -17.74 5.71
C VAL B 130 -0.19 -17.39 6.40
N ALA B 131 0.19 -18.21 7.38
CA ALA B 131 1.45 -18.02 8.11
C ALA B 131 2.64 -17.94 7.18
N TRP B 132 2.81 -18.94 6.32
CA TRP B 132 3.93 -18.99 5.39
C TRP B 132 3.82 -17.91 4.31
N PHE B 133 2.59 -17.57 3.95
CA PHE B 133 2.34 -16.51 2.97
C PHE B 133 2.89 -15.17 3.44
N GLU B 134 2.62 -14.85 4.70
CA GLU B 134 3.03 -13.57 5.27
C GLU B 134 4.54 -13.52 5.47
N ARG B 135 5.14 -14.69 5.70
CA ARG B 135 6.59 -14.79 5.86
C ARG B 135 7.31 -14.52 4.55
N GLY B 136 6.70 -14.96 3.45
CA GLY B 136 7.29 -14.78 2.14
C GLY B 136 7.10 -13.38 1.60
N ALA B 137 5.96 -12.78 1.93
CA ALA B 137 5.63 -11.44 1.46
C ALA B 137 6.53 -10.38 2.07
N THR B 138 6.77 -10.49 3.38
CA THR B 138 7.57 -9.51 4.10
C THR B 138 9.02 -9.54 3.62
N VAL B 139 9.48 -10.68 3.12
CA VAL B 139 10.82 -10.79 2.57
C VAL B 139 10.85 -10.12 1.19
N LEU B 140 9.82 -10.36 0.40
CA LEU B 140 9.67 -9.73 -0.91
C LEU B 140 9.67 -8.21 -0.79
N ARG B 141 9.00 -7.70 0.24
CA ARG B 141 8.99 -6.26 0.50
C ARG B 141 10.40 -5.75 0.82
N ALA B 142 11.18 -6.58 1.49
CA ALA B 142 12.55 -6.22 1.86
C ALA B 142 13.45 -6.24 0.63
N GLN B 143 13.33 -7.28 -0.19
CA GLN B 143 14.15 -7.40 -1.40
C GLN B 143 13.84 -6.30 -2.40
N ILE B 144 12.58 -5.89 -2.45
CA ILE B 144 12.18 -4.80 -3.33
C ILE B 144 12.78 -3.47 -2.86
N GLN B 145 12.69 -3.23 -1.55
CA GLN B 145 13.25 -2.01 -0.96
C GLN B 145 14.75 -1.94 -1.14
N SER B 146 15.42 -3.08 -1.00
CA SER B 146 16.86 -3.17 -1.15
C SER B 146 17.28 -2.93 -2.61
N LEU B 147 16.43 -3.35 -3.53
CA LEU B 147 16.71 -3.17 -4.96
C LEU B 147 16.41 -1.74 -5.40
N MET B 148 15.45 -1.10 -4.75
CA MET B 148 15.12 0.29 -5.03
C MET B 148 16.24 1.20 -4.53
N ASP B 149 16.93 0.76 -3.48
CA ASP B 149 18.07 1.50 -2.95
C ASP B 149 19.28 1.33 -3.84
N SER B 150 19.29 0.26 -4.63
CA SER B 150 20.37 0.00 -5.55
C SER B 150 20.27 0.89 -6.79
N LEU B 151 19.05 1.30 -7.10
CA LEU B 151 18.81 2.20 -8.23
C LEU B 151 19.42 3.57 -7.97
N GLU B 152 19.50 3.94 -6.71
CA GLU B 152 20.07 5.22 -6.30
C GLU B 152 21.58 5.24 -6.55
N GLN B 153 22.24 4.12 -6.27
CA GLN B 153 23.67 3.97 -6.56
C GLN B 153 23.86 3.84 -8.06
N ARG B 154 22.88 3.22 -8.72
CA ARG B 154 22.81 3.17 -10.17
C ARG B 154 24.07 2.63 -10.86
N PRO B 155 24.73 1.67 -10.23
CA PRO B 155 26.00 1.23 -10.79
C PRO B 155 25.68 0.68 -12.15
N LEU B 156 26.41 1.08 -13.16
CA LEU B 156 26.13 0.53 -14.47
C LEU B 156 24.67 0.77 -14.83
N SER B 157 24.00 -0.35 -15.05
CA SER B 157 22.73 -0.50 -15.75
C SER B 157 21.50 -0.61 -14.87
N ARG B 158 20.58 0.33 -15.00
CA ARG B 158 19.29 0.27 -14.33
C ARG B 158 18.35 -0.84 -14.82
N GLY B 159 18.30 -1.04 -16.14
CA GLY B 159 17.22 -1.81 -16.72
C GLY B 159 17.07 -3.21 -16.17
N GLN B 160 18.19 -3.88 -15.89
CA GLN B 160 18.12 -5.22 -15.32
C GLN B 160 17.43 -5.13 -13.96
N VAL B 161 17.74 -4.08 -13.22
CA VAL B 161 17.20 -3.90 -11.88
C VAL B 161 15.72 -3.56 -11.93
N GLU B 162 15.34 -2.72 -12.89
CA GLU B 162 13.93 -2.35 -13.08
C GLU B 162 13.07 -3.56 -13.39
N ALA B 163 13.63 -4.49 -14.17
CA ALA B 163 12.92 -5.71 -14.52
C ALA B 163 12.82 -6.65 -13.34
N ALA B 164 13.91 -6.75 -12.57
CA ALA B 164 13.97 -7.62 -11.41
C ALA B 164 12.99 -7.18 -10.32
N ILE B 165 12.76 -5.87 -10.25
CA ILE B 165 11.81 -5.31 -9.30
C ILE B 165 10.39 -5.57 -9.78
N ALA B 166 10.18 -5.45 -11.08
CA ALA B 166 8.89 -5.73 -11.68
C ALA B 166 8.46 -7.18 -11.44
N ASP B 167 9.45 -8.07 -11.41
CA ASP B 167 9.21 -9.48 -11.13
C ASP B 167 8.82 -9.69 -9.67
N LYS B 168 9.54 -9.02 -8.77
CA LYS B 168 9.30 -9.15 -7.33
C LYS B 168 7.94 -8.56 -6.94
N ARG B 169 7.57 -7.45 -7.58
CA ARG B 169 6.29 -6.81 -7.31
C ARG B 169 5.13 -7.71 -7.72
N ARG B 170 5.27 -8.34 -8.89
CA ARG B 170 4.26 -9.25 -9.39
C ARG B 170 4.15 -10.47 -8.47
N ARG B 171 5.31 -11.01 -8.08
CA ARG B 171 5.35 -12.16 -7.18
C ARG B 171 4.76 -11.81 -5.82
N LEU B 172 4.95 -10.56 -5.40
CA LEU B 172 4.35 -10.07 -4.17
C LEU B 172 2.85 -9.92 -4.34
N ALA B 173 2.46 -9.40 -5.51
CA ALA B 173 1.05 -9.23 -5.84
C ALA B 173 0.33 -10.57 -5.87
N GLU B 174 0.95 -11.55 -6.55
CA GLU B 174 0.42 -12.91 -6.59
C GLU B 174 0.20 -13.46 -5.19
N THR B 175 1.11 -13.14 -4.29
CA THR B 175 1.03 -13.60 -2.90
C THR B 175 -0.12 -12.92 -2.15
N LEU B 176 -0.26 -11.62 -2.34
CA LEU B 176 -1.31 -10.85 -1.67
C LEU B 176 -2.69 -11.37 -2.01
N CYS B 177 -2.98 -11.47 -3.30
CA CYS B 177 -4.26 -11.97 -3.78
C CYS B 177 -4.50 -13.40 -3.30
N ALA B 178 -3.42 -14.18 -3.18
CA ALA B 178 -3.52 -15.56 -2.74
C ALA B 178 -3.98 -15.65 -1.29
N VAL B 179 -3.57 -14.67 -0.48
CA VAL B 179 -3.97 -14.61 0.92
C VAL B 179 -5.44 -14.24 1.04
N VAL B 180 -5.88 -13.32 0.20
CA VAL B 180 -7.28 -12.91 0.17
C VAL B 180 -8.20 -14.09 -0.13
N GLU B 181 -7.80 -14.91 -1.09
CA GLU B 181 -8.59 -16.07 -1.50
C GLU B 181 -8.77 -17.04 -0.34
N VAL B 182 -7.79 -17.12 0.54
CA VAL B 182 -7.88 -17.96 1.73
C VAL B 182 -8.82 -17.33 2.74
N TYR B 183 -8.76 -16.01 2.87
CA TYR B 183 -9.67 -15.28 3.74
C TYR B 183 -11.08 -15.26 3.15
N MET B 184 -11.18 -15.39 1.83
CA MET B 184 -12.47 -15.40 1.16
C MET B 184 -13.09 -16.79 1.15
N THR B 185 -12.36 -17.77 1.67
CA THR B 185 -12.81 -19.16 1.63
C THR B 185 -12.67 -19.85 2.98
N ASP B 186 -11.46 -20.29 3.28
CA ASP B 186 -11.19 -21.04 4.50
C ASP B 186 -11.47 -20.23 5.75
N LEU B 187 -10.71 -19.16 5.94
CA LEU B 187 -10.81 -18.34 7.14
C LEU B 187 -11.90 -17.28 7.03
N SER B 188 -13.05 -17.54 7.64
CA SER B 188 -14.16 -16.59 7.64
C SER B 188 -14.77 -16.48 9.04
N TRP B 189 -13.93 -16.54 10.06
CA TRP B 189 -14.42 -16.53 11.43
C TRP B 189 -14.45 -15.13 12.03
N GLU B 190 -13.28 -14.59 12.31
CA GLU B 190 -13.18 -13.31 13.00
C GLU B 190 -13.46 -12.13 12.09
N ASP B 191 -13.72 -10.98 12.68
CA ASP B 191 -13.87 -9.73 11.93
C ASP B 191 -12.55 -9.35 11.30
N ASP B 192 -11.47 -9.91 11.85
CA ASP B 192 -10.12 -9.72 11.33
C ASP B 192 -10.03 -10.09 9.85
N ALA B 193 -10.83 -11.06 9.42
CA ALA B 193 -10.82 -11.53 8.05
C ALA B 193 -11.20 -10.44 7.05
N GLU B 194 -11.99 -9.47 7.49
CA GLU B 194 -12.47 -8.42 6.60
C GLU B 194 -11.43 -7.30 6.41
N GLN B 195 -10.94 -6.76 7.51
CA GLN B 195 -9.98 -5.64 7.45
C GLN B 195 -8.65 -6.07 6.84
N ARG B 196 -8.28 -7.34 7.06
CA ARG B 196 -7.07 -7.88 6.46
C ARG B 196 -7.14 -7.81 4.94
N CYS B 197 -8.27 -8.26 4.39
CA CYS B 197 -8.50 -8.24 2.95
C CYS B 197 -8.51 -6.83 2.38
N GLU B 198 -9.08 -5.90 3.13
CA GLU B 198 -9.21 -4.52 2.69
C GLU B 198 -7.83 -3.86 2.54
N ALA B 199 -6.89 -4.29 3.37
CA ALA B 199 -5.53 -3.78 3.30
C ALA B 199 -4.74 -4.47 2.20
N LEU B 200 -4.99 -5.77 2.02
CA LEU B 200 -4.31 -6.55 1.00
C LEU B 200 -4.59 -6.04 -0.40
N ILE B 201 -5.87 -5.78 -0.69
CA ILE B 201 -6.25 -5.25 -1.98
C ILE B 201 -5.76 -3.82 -2.15
N THR B 202 -5.58 -3.12 -1.03
CA THR B 202 -5.07 -1.76 -1.06
C THR B 202 -3.62 -1.76 -1.51
N GLU B 203 -2.83 -2.69 -0.98
CA GLU B 203 -1.44 -2.85 -1.37
C GLU B 203 -1.34 -3.45 -2.76
N ALA B 204 -2.17 -4.46 -3.03
CA ALA B 204 -2.18 -5.13 -4.33
C ALA B 204 -2.53 -4.17 -5.45
N THR B 205 -3.28 -3.13 -5.12
CA THR B 205 -3.64 -2.09 -6.09
C THR B 205 -2.43 -1.24 -6.41
N MET B 206 -1.58 -1.01 -5.42
CA MET B 206 -0.41 -0.16 -5.58
C MET B 206 0.68 -0.84 -6.41
N ILE B 207 1.03 -2.07 -6.04
CA ILE B 207 2.17 -2.76 -6.63
C ILE B 207 1.89 -3.40 -7.98
N ALA B 208 0.61 -3.57 -8.32
CA ALA B 208 0.26 -4.17 -9.61
C ALA B 208 -1.09 -3.68 -10.14
N PRO B 209 -1.15 -2.42 -10.60
CA PRO B 209 -2.39 -1.90 -11.18
C PRO B 209 -2.65 -2.44 -12.59
N GLU B 210 -1.66 -3.14 -13.15
CA GLU B 210 -1.73 -3.62 -14.52
C GLU B 210 -2.21 -5.06 -14.61
N TRP B 211 -2.15 -5.76 -13.48
CA TRP B 211 -2.48 -7.17 -13.43
C TRP B 211 -3.99 -7.37 -13.23
N PRO B 212 -4.65 -8.03 -14.19
CA PRO B 212 -6.10 -8.29 -14.16
C PRO B 212 -6.56 -9.07 -12.93
N GLU B 213 -5.68 -9.90 -12.37
CA GLU B 213 -6.03 -10.73 -11.22
C GLU B 213 -6.24 -9.91 -9.95
N THR B 214 -5.52 -8.80 -9.83
CA THR B 214 -5.67 -7.92 -8.68
C THR B 214 -7.08 -7.35 -8.60
N TRP B 215 -7.61 -6.93 -9.74
CA TRP B 215 -8.93 -6.31 -9.80
C TRP B 215 -10.05 -7.33 -9.66
N GLN B 216 -9.76 -8.57 -10.03
CA GLN B 216 -10.70 -9.67 -9.78
C GLN B 216 -10.75 -9.95 -8.29
N THR B 217 -9.60 -9.80 -7.63
CA THR B 217 -9.51 -9.95 -6.18
C THR B 217 -10.23 -8.79 -5.50
N VAL B 218 -10.07 -7.59 -6.04
CA VAL B 218 -10.79 -6.42 -5.56
C VAL B 218 -12.30 -6.64 -5.70
N ALA B 219 -12.73 -7.08 -6.86
CA ALA B 219 -14.14 -7.30 -7.12
C ALA B 219 -14.70 -8.37 -6.21
N ASN B 220 -13.94 -9.44 -6.02
CA ASN B 220 -14.39 -10.54 -5.18
C ASN B 220 -14.63 -10.10 -3.74
N VAL B 221 -13.75 -9.24 -3.24
CA VAL B 221 -13.89 -8.71 -1.89
C VAL B 221 -15.14 -7.85 -1.76
N ARG B 222 -15.38 -7.01 -2.76
CA ARG B 222 -16.56 -6.15 -2.80
C ARG B 222 -17.86 -6.94 -2.75
N ILE B 223 -17.84 -8.14 -3.33
CA ILE B 223 -18.99 -9.02 -3.34
C ILE B 223 -19.30 -9.52 -1.92
N SER B 224 -18.25 -9.86 -1.17
CA SER B 224 -18.41 -10.25 0.22
C SER B 224 -18.95 -9.08 1.05
N GLN B 225 -18.55 -7.87 0.69
CA GLN B 225 -19.02 -6.66 1.36
C GLN B 225 -20.37 -6.22 0.79
N GLU B 226 -20.89 -7.00 -0.15
CA GLU B 226 -22.16 -6.75 -0.82
C GLU B 226 -22.20 -5.41 -1.54
N ARG B 227 -21.02 -4.79 -1.72
CA ARG B 227 -20.92 -3.55 -2.49
C ARG B 227 -20.90 -3.91 -3.97
N THR B 228 -22.07 -4.29 -4.47
CA THR B 228 -22.23 -4.89 -5.80
C THR B 228 -21.74 -4.01 -6.93
N GLU B 229 -22.13 -2.73 -6.92
CA GLU B 229 -21.78 -1.81 -8.00
C GLU B 229 -20.27 -1.57 -8.08
N GLU B 230 -19.59 -1.64 -6.94
CA GLU B 230 -18.16 -1.46 -6.91
C GLU B 230 -17.44 -2.68 -7.48
N ALA B 231 -18.04 -3.85 -7.31
CA ALA B 231 -17.49 -5.08 -7.87
C ALA B 231 -17.50 -5.03 -9.39
N ARG B 232 -18.54 -4.42 -9.94
CA ARG B 232 -18.67 -4.19 -11.38
C ARG B 232 -17.49 -3.40 -11.93
N GLU B 233 -17.21 -2.27 -11.27
CA GLU B 233 -16.17 -1.35 -11.70
C GLU B 233 -14.80 -2.04 -11.80
N ALA B 234 -14.49 -2.89 -10.83
CA ALA B 234 -13.25 -3.65 -10.88
C ALA B 234 -13.19 -4.67 -12.01
N LEU B 235 -14.28 -5.42 -12.18
CA LEU B 235 -14.36 -6.42 -13.24
C LEU B 235 -14.30 -5.79 -14.62
N ARG B 236 -14.88 -4.60 -14.77
CA ARG B 236 -14.80 -3.88 -16.03
C ARG B 236 -13.37 -3.45 -16.32
N ARG B 237 -12.68 -3.00 -15.28
CA ARG B 237 -11.29 -2.57 -15.41
C ARG B 237 -10.37 -3.77 -15.64
N SER B 238 -10.66 -4.88 -14.96
CA SER B 238 -9.88 -6.10 -15.13
C SER B 238 -10.00 -6.61 -16.56
N LEU B 239 -11.23 -6.59 -17.08
CA LEU B 239 -11.49 -7.00 -18.46
C LEU B 239 -10.76 -6.09 -19.45
N GLY B 240 -10.86 -4.79 -19.24
CA GLY B 240 -10.28 -3.81 -20.15
C GLY B 240 -8.76 -3.85 -20.26
N LEU B 241 -8.13 -4.69 -19.45
CA LEU B 241 -6.68 -4.80 -19.45
C LEU B 241 -6.16 -5.92 -20.35
N TRP B 242 -7.07 -6.74 -20.88
CA TRP B 242 -6.65 -7.86 -21.71
C TRP B 242 -7.69 -8.30 -22.74
N THR B 243 -8.90 -7.74 -22.66
CA THR B 243 -9.98 -8.13 -23.57
C THR B 243 -9.64 -7.81 -25.02
N HIS B 244 -8.71 -6.86 -25.22
CA HIS B 244 -8.30 -6.44 -26.56
C HIS B 244 -7.03 -7.16 -26.98
N LEU B 245 -6.27 -7.65 -26.01
CA LEU B 245 -4.96 -8.26 -26.28
C LEU B 245 -5.07 -9.58 -27.03
N PRO B 246 -4.10 -9.86 -27.89
CA PRO B 246 -4.10 -11.15 -28.61
C PRO B 246 -3.86 -12.29 -27.62
N PRO B 247 -4.41 -13.47 -27.80
CA PRO B 247 -4.27 -14.50 -26.76
C PRO B 247 -2.79 -14.80 -26.56
N GLU B 248 -2.06 -14.76 -27.67
CA GLU B 248 -0.67 -15.12 -27.77
C GLU B 248 0.12 -14.28 -26.79
N ASP B 249 -0.30 -13.03 -26.62
CA ASP B 249 0.42 -12.07 -25.77
C ASP B 249 0.45 -12.53 -24.32
N PRO B 250 1.56 -12.26 -23.62
CA PRO B 250 1.74 -12.80 -22.27
C PRO B 250 0.58 -12.35 -21.40
N GLY B 251 0.11 -11.13 -21.66
CA GLY B 251 -0.74 -10.41 -20.73
C GLY B 251 -2.14 -10.93 -20.45
N VAL B 252 -2.52 -11.99 -21.15
CA VAL B 252 -3.77 -12.69 -20.87
C VAL B 252 -3.69 -13.46 -19.56
N PRO B 253 -4.80 -13.46 -18.82
CA PRO B 253 -4.95 -14.26 -17.61
C PRO B 253 -4.92 -15.76 -17.90
N PRO B 254 -4.37 -16.56 -16.98
CA PRO B 254 -4.33 -18.01 -17.16
C PRO B 254 -5.74 -18.59 -17.24
N PHE B 255 -5.86 -19.82 -17.75
CA PHE B 255 -7.16 -20.44 -17.94
C PHE B 255 -7.99 -20.54 -16.65
N PRO B 256 -7.40 -21.05 -15.54
CA PRO B 256 -8.26 -21.14 -14.36
C PRO B 256 -8.64 -19.79 -13.75
N SER B 257 -7.99 -18.72 -14.20
CA SER B 257 -8.32 -17.38 -13.73
C SER B 257 -9.56 -16.86 -14.45
N ARG B 258 -9.59 -17.01 -15.77
CA ARG B 258 -10.71 -16.56 -16.58
C ARG B 258 -11.98 -17.35 -16.25
N VAL B 259 -11.80 -18.60 -15.81
CA VAL B 259 -12.92 -19.42 -15.36
C VAL B 259 -13.45 -18.86 -14.05
N SER B 260 -12.54 -18.42 -13.18
CA SER B 260 -12.92 -17.76 -11.93
C SER B 260 -13.52 -16.38 -12.20
N LEU B 261 -13.05 -15.75 -13.27
CA LEU B 261 -13.59 -14.46 -13.70
C LEU B 261 -15.06 -14.58 -14.08
N VAL B 262 -15.37 -15.61 -14.86
CA VAL B 262 -16.75 -15.88 -15.29
C VAL B 262 -17.67 -16.05 -14.09
N ARG B 263 -17.23 -16.88 -13.15
CA ARG B 263 -18.00 -17.19 -11.95
C ARG B 263 -18.32 -15.92 -11.16
N LEU B 264 -17.43 -14.93 -11.25
CA LEU B 264 -17.65 -13.63 -10.62
C LEU B 264 -18.68 -12.85 -11.43
N LEU B 265 -18.44 -12.73 -12.73
CA LEU B 265 -19.29 -11.93 -13.62
C LEU B 265 -20.76 -12.30 -13.49
N ILE B 266 -21.03 -13.59 -13.34
CA ILE B 266 -22.38 -14.08 -13.19
C ILE B 266 -22.95 -13.66 -11.83
N GLU B 267 -22.07 -13.61 -10.83
CA GLU B 267 -22.48 -13.26 -9.48
C GLU B 267 -22.88 -11.78 -9.40
N VAL B 268 -22.24 -10.94 -10.21
CA VAL B 268 -22.53 -9.51 -10.19
C VAL B 268 -23.46 -9.17 -11.36
N ASP B 269 -24.16 -10.18 -11.86
CA ASP B 269 -25.13 -10.03 -12.95
C ASP B 269 -24.54 -9.34 -14.17
N MET B 270 -23.39 -9.82 -14.62
CA MET B 270 -22.77 -9.33 -15.84
C MET B 270 -22.62 -10.47 -16.84
N GLU B 271 -23.76 -11.11 -17.15
CA GLU B 271 -23.78 -12.31 -17.98
C GLU B 271 -23.27 -12.07 -19.40
N GLU B 272 -23.60 -10.91 -19.95
CA GLU B 272 -23.18 -10.58 -21.33
C GLU B 272 -21.66 -10.60 -21.48
N GLU B 273 -20.97 -10.13 -20.44
CA GLU B 273 -19.50 -10.15 -20.44
C GLU B 273 -18.98 -11.59 -20.37
N ALA B 274 -19.66 -12.41 -19.58
CA ALA B 274 -19.26 -13.80 -19.38
C ALA B 274 -19.37 -14.62 -20.66
N LEU B 275 -20.33 -14.26 -21.51
CA LEU B 275 -20.53 -14.95 -22.77
C LEU B 275 -19.28 -14.84 -23.65
N GLU B 276 -18.75 -13.63 -23.74
CA GLU B 276 -17.56 -13.37 -24.54
C GLU B 276 -16.34 -14.12 -24.00
N VAL B 277 -16.28 -14.26 -22.68
CA VAL B 277 -15.15 -14.93 -22.03
C VAL B 277 -15.19 -16.44 -22.26
N THR B 278 -16.32 -17.06 -21.93
CA THR B 278 -16.48 -18.50 -22.11
C THR B 278 -16.22 -18.83 -23.57
N GLU B 279 -16.83 -18.03 -24.46
CA GLU B 279 -16.72 -18.24 -25.90
C GLU B 279 -15.27 -18.38 -26.33
N ARG B 280 -14.39 -17.61 -25.68
CA ARG B 280 -12.96 -17.68 -25.97
C ARG B 280 -12.31 -18.91 -25.32
N LEU B 281 -12.88 -19.37 -24.21
CA LEU B 281 -12.33 -20.49 -23.47
C LEU B 281 -12.58 -21.82 -24.16
N ILE B 282 -13.72 -21.93 -24.85
CA ILE B 282 -14.07 -23.14 -25.56
C ILE B 282 -13.12 -23.37 -26.74
N ALA B 283 -12.78 -22.29 -27.43
CA ALA B 283 -11.88 -22.35 -28.58
C ALA B 283 -10.47 -22.77 -28.15
N GLU B 284 -10.04 -22.31 -27.00
CA GLU B 284 -8.71 -22.62 -26.50
C GLU B 284 -8.62 -24.04 -25.94
N ASP B 285 -9.75 -24.54 -25.45
CA ASP B 285 -9.80 -25.88 -24.87
C ASP B 285 -11.18 -26.49 -24.98
N ASP B 286 -11.33 -27.48 -25.85
CA ASP B 286 -12.60 -28.16 -26.04
C ASP B 286 -12.71 -29.40 -25.16
N LEU B 287 -12.10 -29.35 -23.98
CA LEU B 287 -12.09 -30.48 -23.07
C LEU B 287 -12.59 -30.09 -21.68
N SER B 288 -12.52 -28.80 -21.37
CA SER B 288 -12.96 -28.30 -20.07
C SER B 288 -14.45 -28.50 -19.87
N VAL B 289 -14.82 -28.99 -18.69
CA VAL B 289 -16.22 -29.32 -18.40
C VAL B 289 -16.97 -28.15 -17.76
N GLU B 290 -16.37 -27.57 -16.73
CA GLU B 290 -17.02 -26.51 -15.96
C GLU B 290 -17.29 -25.26 -16.81
N VAL B 291 -16.43 -25.01 -17.78
CA VAL B 291 -16.57 -23.82 -18.63
C VAL B 291 -17.88 -23.85 -19.42
N TRP B 292 -18.25 -25.04 -19.88
CA TRP B 292 -19.50 -25.22 -20.62
C TRP B 292 -20.72 -25.00 -19.75
N TYR B 293 -20.69 -25.53 -18.54
CA TYR B 293 -21.80 -25.36 -17.59
C TYR B 293 -21.94 -23.92 -17.16
N LEU B 294 -20.81 -23.20 -17.11
CA LEU B 294 -20.82 -21.79 -16.77
C LEU B 294 -21.43 -20.96 -17.88
N GLY B 295 -20.92 -21.14 -19.10
CA GLY B 295 -21.43 -20.43 -20.26
C GLY B 295 -22.90 -20.70 -20.51
N GLY B 296 -23.37 -21.85 -20.06
CA GLY B 296 -24.78 -22.21 -20.17
C GLY B 296 -25.60 -21.55 -19.07
N TYR B 297 -25.08 -21.56 -17.86
CA TYR B 297 -25.75 -20.94 -16.73
C TYR B 297 -25.78 -19.42 -16.89
N ALA B 298 -24.85 -18.92 -17.69
CA ALA B 298 -24.80 -17.51 -18.03
C ALA B 298 -25.96 -17.14 -18.95
N ARG B 299 -26.09 -17.86 -20.05
CA ARG B 299 -27.15 -17.62 -21.02
C ARG B 299 -28.53 -17.94 -20.45
N TYR B 300 -28.57 -18.87 -19.50
CA TYR B 300 -29.81 -19.19 -18.81
C TYR B 300 -30.33 -17.98 -18.04
N ARG B 301 -29.51 -17.45 -17.16
CA ARG B 301 -29.91 -16.28 -16.40
C ARG B 301 -30.13 -15.08 -17.31
N LEU B 302 -29.24 -14.91 -18.27
CA LEU B 302 -29.39 -13.83 -19.23
C LEU B 302 -30.73 -13.93 -19.94
N GLY B 303 -31.16 -15.16 -20.19
CA GLY B 303 -32.47 -15.40 -20.79
C GLY B 303 -33.59 -15.06 -19.82
N GLU B 304 -33.39 -15.41 -18.55
CA GLU B 304 -34.37 -15.12 -17.51
C GLU B 304 -34.60 -13.62 -17.33
N LYS B 305 -33.59 -12.83 -17.67
CA LYS B 305 -33.71 -11.38 -17.60
C LYS B 305 -34.50 -10.84 -18.80
N GLU B 306 -34.40 -11.53 -19.92
CA GLU B 306 -35.13 -11.15 -21.13
C GLU B 306 -36.61 -11.44 -20.98
N ARG B 307 -36.92 -12.52 -20.27
CA ARG B 307 -38.31 -12.89 -20.01
C ARG B 307 -38.95 -11.92 -19.03
N GLU B 308 -38.11 -11.15 -18.34
CA GLU B 308 -38.58 -10.17 -17.36
C GLU B 308 -38.88 -8.84 -18.04
N ALA B 309 -38.27 -8.62 -19.20
CA ALA B 309 -38.46 -7.37 -19.95
C ALA B 309 -39.92 -7.16 -20.35
N SER B 310 -40.50 -8.16 -21.00
CA SER B 310 -41.90 -8.09 -21.41
C SER B 310 -42.83 -8.48 -20.26
N GLY B 311 -42.57 -9.64 -19.66
CA GLY B 311 -43.39 -10.11 -18.56
C GLY B 311 -43.27 -11.62 -18.37
#